data_2XIV
#
_entry.id   2XIV
#
_cell.length_a   36.496
_cell.length_b   65.542
_cell.length_c   67.773
_cell.angle_alpha   90.00
_cell.angle_beta   90.00
_cell.angle_gamma   90.00
#
_symmetry.space_group_name_H-M   'P 21 21 21'
#
loop_
_entity.id
_entity.type
_entity.pdbx_description
1 polymer 'HYPOTHETICAL INVASION PROTEIN'
2 non-polymer GLYCEROL
3 water water
#
_entity_poly.entity_id   1
_entity_poly.type   'polypeptide(L)'
_entity_poly.pdbx_seq_one_letter_code
;DGLWDPTLP(MSE)IPSANIPGDPIAVVNQVLGISATSAQVTAN(MSE)GRKFLEQLGILQPTDTGITNAPAGSAQGRIP
RVYGRQASEYVIRRG(MSE)SQIGVPYSWGGGNAAGPSKGIDSGAGTVGFDCSGLVLYSFAGVGIKLPHYSGSQYNLGRK
IPSSQ(MSE)RRGDVIFYGPNGSQHVTIYLGNGQ(MSE)LEAPDVGLKVRVAPVRTAG(MSE)TPYVVRYIEY
;
_entity_poly.pdbx_strand_id   A
#
loop_
_chem_comp.id
_chem_comp.type
_chem_comp.name
_chem_comp.formula
GOL non-polymer GLYCEROL 'C3 H8 O3'
#
# COMPACT_ATOMS: atom_id res chain seq x y z
N GLY A 2 22.71 -10.69 -6.72
CA GLY A 2 21.80 -10.08 -7.74
C GLY A 2 20.34 -10.25 -7.36
N LEU A 3 20.11 -10.97 -6.28
CA LEU A 3 18.78 -11.29 -5.79
C LEU A 3 18.13 -10.08 -5.11
N TRP A 4 18.96 -9.17 -4.58
CA TRP A 4 18.50 -8.09 -3.69
C TRP A 4 18.89 -6.72 -4.23
N ASP A 5 18.17 -5.69 -3.81
CA ASP A 5 18.63 -4.31 -3.95
C ASP A 5 19.73 -4.12 -2.91
N PRO A 6 20.98 -3.92 -3.36
CA PRO A 6 22.08 -3.89 -2.40
C PRO A 6 22.18 -2.55 -1.66
N THR A 7 21.32 -1.59 -1.98
CA THR A 7 21.31 -0.32 -1.22
C THR A 7 20.52 -0.41 0.08
N LEU A 8 19.76 -1.49 0.27
CA LEU A 8 18.90 -1.68 1.44
C LEU A 8 19.31 -2.98 2.11
N PRO A 9 18.92 -3.16 3.39
CA PRO A 9 19.18 -4.45 4.06
C PRO A 9 18.71 -5.62 3.18
N MSE A 10 19.57 -6.61 2.97
CA MSE A 10 19.26 -7.70 2.05
C MSE A 10 18.60 -8.86 2.78
O MSE A 10 19.12 -9.98 2.85
CB MSE A 10 20.51 -8.10 1.28
CG MSE A 10 20.99 -6.96 0.36
SE MSE A 10 22.54 -7.43 -0.71
CE MSE A 10 23.86 -7.15 0.68
N ILE A 11 17.44 -8.55 3.35
CA ILE A 11 16.64 -9.43 4.19
C ILE A 11 15.18 -9.22 3.86
N PRO A 12 14.30 -10.17 4.20
CA PRO A 12 12.87 -9.94 4.08
C PRO A 12 12.45 -8.74 4.93
N SER A 13 11.56 -7.94 4.35
CA SER A 13 10.90 -6.82 5.02
C SER A 13 10.03 -7.30 6.20
N ALA A 14 9.61 -6.36 7.04
CA ALA A 14 8.81 -6.68 8.19
C ALA A 14 7.51 -7.40 7.76
N ASN A 15 7.12 -8.39 8.55
CA ASN A 15 5.94 -9.17 8.28
C ASN A 15 5.03 -9.06 9.50
N ILE A 16 4.00 -8.24 9.38
CA ILE A 16 3.08 -7.94 10.48
CA ILE A 16 3.08 -7.99 10.49
C ILE A 16 1.81 -8.73 10.18
N PRO A 17 1.43 -9.67 11.08
CA PRO A 17 0.36 -10.59 10.75
C PRO A 17 -1.05 -10.02 10.78
N GLY A 18 -1.90 -10.65 9.99
CA GLY A 18 -3.35 -10.50 10.15
C GLY A 18 -3.89 -9.13 9.87
N ASP A 19 -4.78 -8.70 10.75
CA ASP A 19 -5.49 -7.44 10.61
C ASP A 19 -5.25 -6.63 11.87
N PRO A 20 -4.13 -5.87 11.93
CA PRO A 20 -3.74 -5.13 13.13
C PRO A 20 -4.70 -4.00 13.45
N ILE A 21 -4.74 -3.65 14.72
CA ILE A 21 -5.41 -2.43 15.15
C ILE A 21 -4.73 -1.22 14.49
N ALA A 22 -5.56 -0.36 13.89
CA ALA A 22 -5.09 0.82 13.15
C ALA A 22 -5.43 2.16 13.80
N VAL A 23 -6.54 2.18 14.54
CA VAL A 23 -7.03 3.39 15.22
CA VAL A 23 -6.94 3.40 15.24
C VAL A 23 -7.26 3.05 16.68
N VAL A 24 -6.80 3.91 17.58
CA VAL A 24 -7.07 3.80 19.01
CA VAL A 24 -7.08 3.80 19.01
C VAL A 24 -7.43 5.19 19.53
N ASN A 25 -8.57 5.30 20.20
CA ASN A 25 -8.93 6.54 20.84
C ASN A 25 -9.17 6.17 22.29
N GLN A 26 -8.22 6.51 23.16
CA GLN A 26 -8.25 6.16 24.59
CA GLN A 26 -8.33 6.07 24.55
C GLN A 26 -9.31 6.92 25.39
N VAL A 27 -9.73 8.06 24.85
CA VAL A 27 -10.70 8.92 25.54
C VAL A 27 -12.11 8.38 25.32
N LEU A 28 -12.45 8.13 24.06
CA LEU A 28 -13.75 7.59 23.70
CA LEU A 28 -13.75 7.59 23.67
C LEU A 28 -13.83 6.08 23.97
N GLY A 29 -12.67 5.43 24.06
CA GLY A 29 -12.61 3.99 24.32
C GLY A 29 -12.97 3.20 23.07
N ILE A 30 -12.35 3.54 21.95
CA ILE A 30 -12.58 2.76 20.75
C ILE A 30 -11.28 2.37 20.09
N SER A 31 -11.38 1.35 19.26
CA SER A 31 -10.29 0.96 18.40
C SER A 31 -10.91 0.25 17.21
N ALA A 32 -10.16 0.23 16.12
CA ALA A 32 -10.59 -0.47 14.91
C ALA A 32 -9.38 -0.90 14.14
N THR A 33 -9.56 -1.96 13.35
CA THR A 33 -8.42 -2.52 12.62
C THR A 33 -8.26 -1.89 11.26
N SER A 34 -7.12 -2.22 10.64
CA SER A 34 -6.88 -1.79 9.26
C SER A 34 -7.98 -2.19 8.29
N ALA A 35 -8.49 -3.42 8.39
CA ALA A 35 -9.55 -3.84 7.47
C ALA A 35 -10.82 -3.03 7.68
N GLN A 36 -11.13 -2.68 8.94
CA GLN A 36 -12.30 -1.85 9.21
C GLN A 36 -12.16 -0.47 8.59
N VAL A 37 -11.01 0.15 8.80
CA VAL A 37 -10.70 1.47 8.22
CA VAL A 37 -10.88 1.48 8.22
C VAL A 37 -10.80 1.41 6.69
N THR A 38 -10.25 0.33 6.14
CA THR A 38 -10.17 0.16 4.68
C THR A 38 -11.54 -0.04 4.09
N ALA A 39 -12.37 -0.86 4.73
CA ALA A 39 -13.75 -1.06 4.27
C ALA A 39 -14.51 0.25 4.30
N ASN A 40 -14.39 1.00 5.37
CA ASN A 40 -15.07 2.26 5.49
CA ASN A 40 -15.09 2.27 5.48
C ASN A 40 -14.61 3.26 4.40
N MSE A 41 -13.33 3.34 4.14
N MSE A 41 -13.32 3.32 4.16
CA MSE A 41 -12.85 4.21 3.06
CA MSE A 41 -12.76 4.16 3.10
C MSE A 41 -13.28 3.72 1.70
C MSE A 41 -13.24 3.72 1.72
O MSE A 41 -13.62 4.53 0.85
O MSE A 41 -13.54 4.56 0.87
CB MSE A 41 -11.33 4.37 3.11
CB MSE A 41 -11.23 4.14 3.14
CG MSE A 41 -10.92 5.21 4.30
CG MSE A 41 -10.63 4.85 4.36
SE MSE A 41 -9.03 5.61 4.45
SE MSE A 41 -11.15 6.73 4.55
CE MSE A 41 -8.41 3.91 4.51
CE MSE A 41 -10.13 7.53 3.09
N GLY A 42 -13.31 2.40 1.51
CA GLY A 42 -13.77 1.83 0.25
C GLY A 42 -15.21 2.22 -0.04
N ARG A 43 -16.08 2.09 0.97
CA ARG A 43 -17.48 2.48 0.83
CA ARG A 43 -17.46 2.47 0.77
C ARG A 43 -17.58 3.96 0.50
N LYS A 44 -16.82 4.78 1.22
CA LYS A 44 -16.80 6.23 0.96
C LYS A 44 -16.39 6.54 -0.48
N PHE A 45 -15.35 5.86 -0.96
CA PHE A 45 -14.88 6.06 -2.32
C PHE A 45 -15.92 5.63 -3.37
N LEU A 46 -16.51 4.44 -3.19
CA LEU A 46 -17.57 4.02 -4.09
C LEU A 46 -18.75 5.01 -4.07
N GLU A 47 -19.08 5.55 -2.90
CA GLU A 47 -20.12 6.56 -2.79
CA GLU A 47 -20.13 6.55 -2.81
C GLU A 47 -19.72 7.81 -3.60
N GLN A 48 -18.46 8.20 -3.51
CA GLN A 48 -18.01 9.39 -4.24
CA GLN A 48 -17.95 9.36 -4.24
C GLN A 48 -18.07 9.18 -5.76
N LEU A 49 -17.95 7.94 -6.21
CA LEU A 49 -18.10 7.59 -7.63
C LEU A 49 -19.57 7.44 -8.06
N GLY A 50 -20.48 7.46 -7.08
CA GLY A 50 -21.92 7.28 -7.30
C GLY A 50 -22.31 5.84 -7.61
N ILE A 51 -21.54 4.88 -7.09
CA ILE A 51 -21.78 3.48 -7.42
C ILE A 51 -21.89 2.56 -6.22
N LEU A 52 -22.00 3.12 -5.03
CA LEU A 52 -22.10 2.29 -3.82
C LEU A 52 -23.38 1.46 -3.84
N GLN A 53 -23.26 0.17 -3.54
CA GLN A 53 -24.38 -0.76 -3.48
C GLN A 53 -24.49 -1.34 -2.10
N PRO A 54 -25.69 -1.83 -1.72
CA PRO A 54 -25.88 -2.40 -0.39
C PRO A 54 -25.06 -3.67 -0.16
N THR A 55 -24.61 -4.31 -1.22
CA THR A 55 -23.78 -5.50 -1.12
C THR A 55 -22.29 -5.17 -0.98
N ASP A 56 -21.94 -3.90 -1.11
CA ASP A 56 -20.54 -3.52 -0.99
C ASP A 56 -20.01 -3.53 0.44
N THR A 57 -18.98 -4.31 0.68
CA THR A 57 -18.32 -4.22 1.99
C THR A 57 -17.38 -3.02 2.04
N GLY A 58 -16.98 -2.55 0.87
CA GLY A 58 -15.95 -1.53 0.73
C GLY A 58 -14.60 -2.09 0.37
N ILE A 59 -14.42 -3.39 0.49
CA ILE A 59 -13.16 -4.00 0.05
C ILE A 59 -13.26 -4.18 -1.45
N THR A 60 -12.29 -3.62 -2.17
CA THR A 60 -12.39 -3.53 -3.60
C THR A 60 -11.38 -4.38 -4.37
N ASN A 61 -10.55 -5.14 -3.68
CA ASN A 61 -9.56 -5.98 -4.40
C ASN A 61 -10.19 -6.90 -5.43
N ALA A 62 -9.53 -7.02 -6.59
CA ALA A 62 -9.90 -8.08 -7.52
C ALA A 62 -9.44 -9.42 -6.96
N PRO A 63 -10.08 -10.53 -7.38
CA PRO A 63 -9.54 -11.84 -7.05
C PRO A 63 -8.13 -11.90 -7.65
N ALA A 64 -7.16 -12.46 -6.92
CA ALA A 64 -5.77 -12.36 -7.32
C ALA A 64 -5.52 -12.98 -8.69
N GLY A 65 -5.02 -12.16 -9.60
CA GLY A 65 -4.78 -12.56 -10.99
C GLY A 65 -5.86 -12.10 -11.96
N SER A 66 -7.04 -11.73 -11.45
CA SER A 66 -8.11 -11.33 -12.33
C SER A 66 -7.89 -9.91 -12.81
N ALA A 67 -8.23 -9.66 -14.07
CA ALA A 67 -8.25 -8.31 -14.62
C ALA A 67 -9.55 -7.55 -14.33
N GLN A 68 -10.52 -8.20 -13.67
CA GLN A 68 -11.80 -7.59 -13.31
C GLN A 68 -11.93 -7.48 -11.79
N GLY A 69 -12.38 -6.33 -11.32
CA GLY A 69 -12.55 -6.09 -9.90
C GLY A 69 -13.60 -5.03 -9.70
N ARG A 70 -13.83 -4.69 -8.44
CA ARG A 70 -14.99 -3.88 -8.08
C ARG A 70 -15.00 -2.49 -8.73
N ILE A 71 -13.86 -1.80 -8.71
CA ILE A 71 -13.85 -0.42 -9.24
C ILE A 71 -13.89 -0.48 -10.77
N PRO A 72 -14.90 0.18 -11.38
CA PRO A 72 -14.96 0.20 -12.85
C PRO A 72 -13.70 0.79 -13.46
N ARG A 73 -13.27 0.21 -14.57
CA ARG A 73 -12.09 0.72 -15.27
CA ARG A 73 -12.09 0.72 -15.29
C ARG A 73 -12.17 2.21 -15.58
N VAL A 74 -13.36 2.70 -15.92
CA VAL A 74 -13.52 4.13 -16.19
CA VAL A 74 -13.55 4.11 -16.20
C VAL A 74 -13.17 5.04 -15.02
N TYR A 75 -13.17 4.47 -13.81
CA TYR A 75 -12.84 5.25 -12.61
C TYR A 75 -11.50 4.85 -12.03
N GLY A 76 -10.80 3.96 -12.73
CA GLY A 76 -9.52 3.44 -12.27
C GLY A 76 -8.44 4.50 -12.18
N ARG A 77 -8.37 5.42 -13.15
CA ARG A 77 -7.37 6.49 -13.08
CA ARG A 77 -7.36 6.47 -13.09
C ARG A 77 -7.59 7.39 -11.88
N GLN A 78 -8.85 7.72 -11.62
CA GLN A 78 -9.18 8.52 -10.45
C GLN A 78 -8.77 7.79 -9.16
N ALA A 79 -9.09 6.50 -9.09
CA ALA A 79 -8.74 5.70 -7.93
C ALA A 79 -7.22 5.67 -7.74
N SER A 80 -6.50 5.41 -8.82
CA SER A 80 -5.06 5.38 -8.78
C SER A 80 -4.48 6.71 -8.31
N GLU A 81 -5.02 7.82 -8.85
CA GLU A 81 -4.50 9.12 -8.47
C GLU A 81 -4.80 9.44 -7.01
N TYR A 82 -5.93 8.97 -6.50
CA TYR A 82 -6.20 9.16 -5.07
C TYR A 82 -5.19 8.38 -4.20
N VAL A 83 -4.91 7.13 -4.59
CA VAL A 83 -3.92 6.32 -3.89
C VAL A 83 -2.56 7.01 -3.90
N ILE A 84 -2.15 7.50 -5.07
CA ILE A 84 -0.88 8.18 -5.19
C ILE A 84 -0.88 9.48 -4.36
N ARG A 85 -1.98 10.23 -4.40
CA ARG A 85 -2.05 11.45 -3.57
C ARG A 85 -1.90 11.13 -2.09
N ARG A 86 -2.53 10.03 -1.64
CA ARG A 86 -2.38 9.64 -0.23
C ARG A 86 -0.94 9.33 0.09
N GLY A 87 -0.28 8.56 -0.78
CA GLY A 87 1.13 8.22 -0.56
C GLY A 87 2.00 9.47 -0.56
N MSE A 88 1.80 10.32 -1.56
CA MSE A 88 2.61 11.53 -1.69
C MSE A 88 2.43 12.46 -0.50
O MSE A 88 3.34 13.17 -0.13
CB MSE A 88 2.27 12.28 -2.98
CG MSE A 88 2.62 11.50 -4.21
SE MSE A 88 4.55 11.40 -4.54
CE MSE A 88 4.89 13.28 -5.00
N SER A 89 1.24 12.45 0.10
CA SER A 89 0.96 13.30 1.25
C SER A 89 1.80 12.89 2.46
N GLN A 90 2.45 11.71 2.39
CA GLN A 90 3.27 11.21 3.48
C GLN A 90 4.77 11.45 3.27
N ILE A 91 5.14 12.13 2.19
CA ILE A 91 6.52 12.55 1.96
CA ILE A 91 6.55 12.48 1.99
C ILE A 91 7.03 13.23 3.24
N GLY A 92 8.17 12.80 3.76
CA GLY A 92 8.75 13.41 4.93
C GLY A 92 8.42 12.70 6.24
N VAL A 93 7.48 11.75 6.21
CA VAL A 93 7.22 10.95 7.41
C VAL A 93 8.40 10.00 7.63
N PRO A 94 8.88 9.83 8.87
CA PRO A 94 10.03 8.96 9.11
C PRO A 94 9.79 7.50 8.74
N TYR A 95 10.86 6.85 8.31
CA TYR A 95 10.86 5.41 8.16
C TYR A 95 10.81 4.78 9.55
N SER A 96 10.00 3.71 9.69
CA SER A 96 10.01 2.88 10.87
C SER A 96 9.81 1.42 10.44
N TRP A 97 10.71 0.54 10.85
CA TRP A 97 10.63 -0.89 10.52
C TRP A 97 9.33 -1.43 11.13
N GLY A 98 8.46 -1.94 10.27
CA GLY A 98 7.16 -2.45 10.69
C GLY A 98 6.08 -1.40 10.85
N GLY A 99 6.40 -0.15 10.58
CA GLY A 99 5.45 0.95 10.80
C GLY A 99 4.38 1.13 9.74
N GLY A 100 3.22 1.56 10.19
CA GLY A 100 2.17 1.96 9.29
C GLY A 100 0.99 1.02 9.30
N ASN A 101 -0.18 1.58 9.08
CA ASN A 101 -1.40 0.82 8.99
C ASN A 101 -2.34 1.56 8.06
N ALA A 102 -3.57 1.08 7.90
CA ALA A 102 -4.48 1.70 6.93
C ALA A 102 -4.82 3.15 7.28
N ALA A 103 -4.65 3.53 8.55
CA ALA A 103 -5.00 4.88 9.03
C ALA A 103 -3.85 5.91 8.92
N GLY A 104 -2.63 5.43 8.77
CA GLY A 104 -1.48 6.33 8.69
C GLY A 104 -0.26 5.69 9.29
N PRO A 105 0.78 6.48 9.58
CA PRO A 105 1.97 5.91 10.18
C PRO A 105 1.65 5.37 11.57
N SER A 106 2.50 4.47 12.04
CA SER A 106 2.32 3.90 13.36
C SER A 106 3.64 3.44 13.90
N LYS A 107 3.66 3.09 15.18
CA LYS A 107 4.79 2.44 15.78
C LYS A 107 5.13 1.18 14.99
N GLY A 108 6.43 0.90 14.88
CA GLY A 108 6.90 -0.29 14.20
C GLY A 108 7.06 -1.46 15.15
N ILE A 109 7.88 -2.43 14.75
CA ILE A 109 8.16 -3.62 15.58
C ILE A 109 9.66 -3.80 15.61
N ASP A 110 10.11 -4.71 16.50
CA ASP A 110 11.51 -5.03 16.66
C ASP A 110 12.26 -3.71 16.76
N SER A 111 13.24 -3.52 15.88
CA SER A 111 13.96 -2.26 15.65
C SER A 111 13.10 -0.99 15.77
N GLY A 112 11.95 -0.99 15.10
CA GLY A 112 11.14 0.21 14.95
C GLY A 112 10.05 0.44 15.99
N ALA A 113 10.09 -0.35 17.07
CA ALA A 113 9.03 -0.37 18.11
C ALA A 113 8.80 0.96 18.82
N GLY A 114 9.79 1.83 18.79
CA GLY A 114 9.68 3.11 19.46
C GLY A 114 9.67 4.28 18.51
N THR A 115 9.31 4.00 17.25
CA THR A 115 9.35 5.01 16.21
C THR A 115 8.06 4.98 15.38
N VAL A 116 7.35 6.10 15.31
CA VAL A 116 6.11 6.20 14.57
C VAL A 116 6.48 6.57 13.14
N GLY A 117 6.05 5.77 12.17
CA GLY A 117 6.39 6.05 10.76
C GLY A 117 5.85 4.95 9.87
N PHE A 118 6.48 4.80 8.71
CA PHE A 118 6.11 3.78 7.72
C PHE A 118 7.33 2.95 7.35
N ASP A 119 7.10 1.66 7.13
CA ASP A 119 8.03 0.92 6.31
C ASP A 119 7.47 0.74 4.92
N CYS A 120 8.18 -0.06 4.11
CA CYS A 120 7.85 -0.08 2.70
C CYS A 120 6.44 -0.58 2.42
N SER A 121 6.09 -1.72 3.01
CA SER A 121 4.77 -2.29 2.78
CA SER A 121 4.76 -2.34 2.86
C SER A 121 3.68 -1.55 3.57
N GLY A 122 4.05 -0.92 4.68
CA GLY A 122 3.11 -0.11 5.44
C GLY A 122 2.67 1.09 4.61
N LEU A 123 3.61 1.74 3.91
CA LEU A 123 3.24 2.90 3.09
C LEU A 123 2.33 2.47 1.95
N VAL A 124 2.63 1.34 1.33
CA VAL A 124 1.85 0.88 0.19
C VAL A 124 0.45 0.51 0.69
N LEU A 125 0.33 -0.19 1.82
CA LEU A 125 -1.00 -0.57 2.26
C LEU A 125 -1.81 0.67 2.69
N TYR A 126 -1.17 1.64 3.35
CA TYR A 126 -1.85 2.87 3.70
C TYR A 126 -2.38 3.56 2.45
N SER A 127 -1.55 3.63 1.41
CA SER A 127 -1.94 4.41 0.22
C SER A 127 -3.16 3.76 -0.44
N PHE A 128 -3.08 2.45 -0.66
CA PHE A 128 -4.14 1.72 -1.37
C PHE A 128 -5.43 1.58 -0.56
N ALA A 129 -5.32 1.66 0.77
CA ALA A 129 -6.50 1.48 1.62
C ALA A 129 -7.53 2.54 1.34
N GLY A 130 -7.09 3.69 0.82
CA GLY A 130 -7.99 4.80 0.58
C GLY A 130 -9.12 4.54 -0.41
N VAL A 131 -8.92 3.55 -1.29
CA VAL A 131 -9.96 3.19 -2.25
C VAL A 131 -10.48 1.78 -1.97
N GLY A 132 -10.19 1.24 -0.78
CA GLY A 132 -10.76 -0.05 -0.39
C GLY A 132 -9.87 -1.24 -0.74
N ILE A 133 -8.69 -0.97 -1.28
CA ILE A 133 -7.78 -2.07 -1.63
C ILE A 133 -7.05 -2.46 -0.36
N LYS A 134 -7.36 -3.66 0.14
CA LYS A 134 -6.81 -4.16 1.39
CA LYS A 134 -6.80 -4.15 1.39
C LYS A 134 -5.58 -5.03 1.14
N LEU A 135 -4.47 -4.66 1.77
CA LEU A 135 -3.21 -5.34 1.53
C LEU A 135 -2.62 -5.76 2.86
N PRO A 136 -2.01 -6.94 2.89
CA PRO A 136 -1.32 -7.38 4.11
C PRO A 136 -0.06 -6.58 4.35
N HIS A 137 0.35 -6.50 5.60
CA HIS A 137 1.55 -5.77 5.95
C HIS A 137 2.80 -6.66 5.84
N TYR A 138 3.10 -7.04 4.60
CA TYR A 138 4.33 -7.77 4.30
C TYR A 138 4.49 -7.71 2.79
N SER A 139 5.62 -7.22 2.30
CA SER A 139 5.82 -7.08 0.86
C SER A 139 5.68 -8.40 0.12
N GLY A 140 6.15 -9.52 0.71
CA GLY A 140 6.07 -10.81 0.01
C GLY A 140 4.63 -11.23 -0.21
N SER A 141 3.78 -10.94 0.76
CA SER A 141 2.36 -11.27 0.63
C SER A 141 1.66 -10.32 -0.34
N GLN A 142 2.04 -9.04 -0.33
CA GLN A 142 1.49 -8.10 -1.31
C GLN A 142 1.77 -8.57 -2.75
N TYR A 143 2.96 -9.11 -2.97
CA TYR A 143 3.38 -9.60 -4.30
C TYR A 143 2.47 -10.69 -4.83
N ASN A 144 1.79 -11.41 -3.94
CA ASN A 144 0.91 -12.52 -4.36
C ASN A 144 -0.49 -12.09 -4.70
N LEU A 145 -0.80 -10.81 -4.50
CA LEU A 145 -2.13 -10.27 -4.73
C LEU A 145 -2.09 -9.43 -6.00
N GLY A 146 -3.24 -8.96 -6.44
CA GLY A 146 -3.28 -8.12 -7.65
C GLY A 146 -2.92 -8.91 -8.89
N ARG A 147 -2.58 -8.19 -9.94
CA ARG A 147 -2.34 -8.81 -11.26
C ARG A 147 -0.94 -8.44 -11.71
N LYS A 148 -0.16 -9.42 -12.16
CA LYS A 148 1.20 -9.17 -12.62
C LYS A 148 1.23 -8.47 -13.97
N ILE A 149 2.15 -7.51 -14.09
CA ILE A 149 2.43 -6.77 -15.31
C ILE A 149 3.95 -6.89 -15.52
N PRO A 150 4.43 -7.17 -16.74
CA PRO A 150 5.89 -7.22 -16.91
C PRO A 150 6.52 -5.91 -16.46
N SER A 151 7.65 -6.03 -15.75
CA SER A 151 8.27 -4.85 -15.16
CA SER A 151 8.30 -4.86 -15.17
C SER A 151 8.64 -3.81 -16.22
N SER A 152 8.99 -4.28 -17.42
CA SER A 152 9.33 -3.34 -18.48
CA SER A 152 9.32 -3.38 -18.53
C SER A 152 8.13 -2.52 -18.94
N GLN A 153 6.94 -2.95 -18.50
CA GLN A 153 5.69 -2.30 -18.89
C GLN A 153 5.03 -1.59 -17.71
N MSE A 154 5.80 -1.38 -16.65
CA MSE A 154 5.24 -0.73 -15.47
C MSE A 154 4.63 0.63 -15.81
O MSE A 154 5.19 1.39 -16.63
CB MSE A 154 6.27 -0.61 -14.37
CG MSE A 154 7.48 0.26 -14.74
SE MSE A 154 8.56 0.65 -13.18
CE MSE A 154 9.46 -1.06 -13.07
N ARG A 155 3.51 0.92 -15.16
CA ARG A 155 2.74 2.12 -15.41
C ARG A 155 2.53 2.82 -14.09
N ARG A 156 2.44 4.14 -14.11
CA ARG A 156 2.11 4.92 -12.93
C ARG A 156 1.00 4.24 -12.15
N GLY A 157 1.25 4.02 -10.87
CA GLY A 157 0.27 3.43 -9.96
C GLY A 157 0.47 1.96 -9.75
N ASP A 158 1.27 1.33 -10.62
CA ASP A 158 1.70 -0.05 -10.38
C ASP A 158 2.68 -0.10 -9.21
N VAL A 159 2.90 -1.30 -8.68
CA VAL A 159 3.64 -1.48 -7.45
C VAL A 159 4.85 -2.35 -7.75
N ILE A 160 6.03 -1.81 -7.42
CA ILE A 160 7.33 -2.42 -7.77
C ILE A 160 7.84 -3.19 -6.57
N PHE A 161 8.37 -4.39 -6.81
CA PHE A 161 8.85 -5.26 -5.74
C PHE A 161 10.30 -5.65 -5.95
N TYR A 162 10.97 -5.98 -4.85
CA TYR A 162 12.38 -6.33 -4.83
C TYR A 162 12.60 -7.53 -3.94
N GLY A 163 13.62 -8.30 -4.31
CA GLY A 163 14.03 -9.45 -3.54
C GLY A 163 13.25 -10.67 -3.94
N PRO A 164 13.69 -11.85 -3.45
CA PRO A 164 13.01 -13.10 -3.79
C PRO A 164 11.55 -13.03 -3.35
N ASN A 165 10.64 -13.38 -4.24
CA ASN A 165 9.19 -13.32 -3.96
C ASN A 165 8.73 -11.90 -3.58
N GLY A 166 9.50 -10.89 -3.95
CA GLY A 166 9.13 -9.53 -3.60
C GLY A 166 9.26 -9.25 -2.11
N SER A 167 10.07 -10.05 -1.41
CA SER A 167 10.14 -9.99 0.05
C SER A 167 10.96 -8.86 0.64
N GLN A 168 11.84 -8.24 -0.16
CA GLN A 168 12.75 -7.23 0.40
C GLN A 168 12.15 -5.84 0.53
N HIS A 169 11.46 -5.39 -0.50
CA HIS A 169 11.04 -4.01 -0.55
C HIS A 169 9.93 -3.86 -1.57
N VAL A 170 9.15 -2.79 -1.43
CA VAL A 170 8.02 -2.52 -2.28
C VAL A 170 7.87 -1.02 -2.36
N THR A 171 7.48 -0.52 -3.53
CA THR A 171 7.34 0.91 -3.78
C THR A 171 6.19 1.12 -4.75
N ILE A 172 5.76 2.37 -4.92
CA ILE A 172 4.72 2.71 -5.90
C ILE A 172 5.36 3.44 -7.04
N TYR A 173 5.24 2.90 -8.25
CA TYR A 173 5.71 3.60 -9.43
C TYR A 173 4.90 4.84 -9.72
N LEU A 174 5.58 5.94 -10.02
CA LEU A 174 4.92 7.21 -10.27
C LEU A 174 4.94 7.59 -11.74
N GLY A 175 5.52 6.74 -12.58
CA GLY A 175 5.79 7.11 -13.95
C GLY A 175 7.06 7.93 -14.03
N ASN A 176 7.52 8.17 -15.27
CA ASN A 176 8.72 8.97 -15.52
C ASN A 176 9.92 8.50 -14.68
N GLY A 177 10.07 7.19 -14.52
CA GLY A 177 11.24 6.61 -13.85
C GLY A 177 11.41 6.97 -12.38
N GLN A 178 10.32 7.35 -11.73
CA GLN A 178 10.35 7.69 -10.29
C GLN A 178 9.41 6.81 -9.51
N MSE A 179 9.74 6.60 -8.22
CA MSE A 179 8.91 5.78 -7.37
C MSE A 179 8.82 6.39 -5.97
O MSE A 179 9.73 7.08 -5.54
CB MSE A 179 9.43 4.34 -7.34
CG MSE A 179 10.81 4.18 -6.73
SE MSE A 179 11.45 2.37 -7.04
CE MSE A 179 13.06 2.51 -5.94
N LEU A 180 7.69 6.11 -5.32
CA LEU A 180 7.44 6.53 -3.95
C LEU A 180 7.74 5.38 -3.02
N GLU A 181 8.52 5.66 -1.99
CA GLU A 181 8.97 4.59 -1.11
C GLU A 181 9.20 5.06 0.32
N ALA A 182 9.09 4.11 1.24
CA ALA A 182 9.63 4.25 2.61
C ALA A 182 10.88 3.39 2.65
N PRO A 183 12.07 4.03 2.61
CA PRO A 183 13.29 3.30 2.22
C PRO A 183 14.04 2.54 3.31
N ASP A 184 14.52 3.23 4.35
CA ASP A 184 15.42 2.61 5.30
C ASP A 184 15.53 3.50 6.54
N VAL A 185 16.10 2.92 7.59
CA VAL A 185 16.31 3.58 8.87
CA VAL A 185 16.28 3.59 8.86
C VAL A 185 16.97 4.94 8.72
N GLY A 186 16.45 5.93 9.42
CA GLY A 186 17.06 7.25 9.42
C GLY A 186 16.62 8.12 8.24
N LEU A 187 15.85 7.55 7.33
CA LEU A 187 15.35 8.27 6.17
C LEU A 187 13.87 8.56 6.36
N LYS A 188 13.27 9.18 5.35
CA LYS A 188 11.86 9.52 5.36
C LYS A 188 11.22 9.01 4.08
N VAL A 189 9.90 8.87 4.12
CA VAL A 189 9.13 8.61 2.88
C VAL A 189 9.60 9.63 1.82
N ARG A 190 9.88 9.16 0.59
CA ARG A 190 10.54 9.95 -0.43
C ARG A 190 10.15 9.47 -1.83
N VAL A 191 10.33 10.37 -2.78
CA VAL A 191 10.38 10.05 -4.20
C VAL A 191 11.84 9.81 -4.56
N ALA A 192 12.09 8.73 -5.28
CA ALA A 192 13.44 8.39 -5.70
C ALA A 192 13.41 7.78 -7.09
N PRO A 193 14.54 7.81 -7.79
CA PRO A 193 14.57 7.16 -9.11
C PRO A 193 14.32 5.67 -8.97
N VAL A 194 13.68 5.08 -9.96
CA VAL A 194 13.51 3.63 -9.96
C VAL A 194 14.89 2.96 -9.96
N ARG A 195 15.00 1.91 -9.15
CA ARG A 195 16.17 1.06 -9.07
C ARG A 195 15.78 -0.31 -9.63
N THR A 196 16.67 -0.91 -10.41
CA THR A 196 16.33 -2.20 -10.98
C THR A 196 17.08 -3.38 -10.35
N ALA A 197 18.12 -3.12 -9.55
CA ALA A 197 18.82 -4.21 -8.87
C ALA A 197 17.86 -4.92 -7.91
N GLY A 198 17.74 -6.23 -8.07
CA GLY A 198 16.89 -7.02 -7.20
C GLY A 198 15.42 -6.92 -7.52
N MSE A 199 15.06 -6.15 -8.54
CA MSE A 199 13.66 -5.97 -8.88
CA MSE A 199 13.66 -5.96 -8.88
C MSE A 199 13.08 -7.28 -9.40
O MSE A 199 13.72 -8.00 -10.18
CB MSE A 199 13.52 -4.90 -9.95
CB MSE A 199 13.53 -4.86 -9.91
CG MSE A 199 12.08 -4.58 -10.32
CG MSE A 199 12.12 -4.34 -10.06
SE MSE A 199 11.94 -3.38 -11.84
SE MSE A 199 12.08 -2.87 -11.34
CE MSE A 199 12.76 -4.50 -13.17
CE MSE A 199 11.91 -1.34 -10.18
N THR A 200 11.87 -7.60 -8.96
CA THR A 200 11.17 -8.78 -9.50
C THR A 200 10.85 -8.55 -10.98
N PRO A 201 10.67 -9.64 -11.74
CA PRO A 201 10.39 -9.46 -13.16
C PRO A 201 8.99 -8.96 -13.49
N TYR A 202 8.12 -8.86 -12.47
CA TYR A 202 6.77 -8.31 -12.60
C TYR A 202 6.52 -7.24 -11.58
N VAL A 203 5.79 -6.21 -12.01
CA VAL A 203 5.17 -5.31 -11.06
C VAL A 203 3.72 -5.79 -10.83
N VAL A 204 3.08 -5.24 -9.81
CA VAL A 204 1.72 -5.64 -9.50
C VAL A 204 0.77 -4.48 -9.73
N ARG A 205 -0.34 -4.78 -10.40
CA ARG A 205 -1.40 -3.82 -10.62
C ARG A 205 -2.60 -4.18 -9.74
N TYR A 206 -3.00 -3.26 -8.88
CA TYR A 206 -4.17 -3.46 -8.00
C TYR A 206 -5.42 -2.74 -8.50
N ILE A 207 -5.23 -1.78 -9.40
CA ILE A 207 -6.29 -0.94 -9.92
C ILE A 207 -6.18 -0.89 -11.44
N GLU A 208 -7.21 -1.40 -12.11
CA GLU A 208 -7.22 -1.39 -13.58
C GLU A 208 -7.71 -0.06 -14.13
N TYR A 209 -7.07 0.40 -15.21
CA TYR A 209 -7.61 1.52 -15.96
C TYR A 209 -7.04 1.49 -17.37
C1 GOL B . -9.35 -4.18 -9.76
O1 GOL B . -9.76 -4.91 -10.91
C2 GOL B . -10.12 -2.86 -9.73
O2 GOL B . -9.45 -1.94 -10.56
C3 GOL B . -10.13 -2.27 -8.33
O3 GOL B . -11.31 -2.62 -7.69
#